data_6Y80
#
_entry.id   6Y80
#
_cell.length_a   80.940
_cell.length_b   102.344
_cell.length_c   103.348
_cell.angle_alpha   90.000
_cell.angle_beta   90.000
_cell.angle_gamma   90.000
#
_symmetry.space_group_name_H-M   'I 2 2 2'
#
loop_
_entity.id
_entity.type
_entity.pdbx_description
1 polymer 'Mitogen-activated protein kinase 14'
2 non-polymer 1-(2-adamantylmethyl)-3-ethyl-guanidine
3 non-polymer 4-(4-FLUOROPHENYL)-1-(4-PIPERIDINYL)-5-(2-AMINO-4-PYRIMIDINYL)-IMIDAZOLE
4 non-polymer 'CALCIUM ION'
5 non-polymer 'CHLORIDE ION'
6 non-polymer 'SULFATE ION'
7 water water
#
_entity_poly.entity_id   1
_entity_poly.type   'polypeptide(L)'
_entity_poly.pdbx_seq_one_letter_code
;MSQERPTFYRQELNKTIWEVPERYQNLSPVGSGAYGSVCAAFDTKTGHRVAVKKLSRPFQSIIHAKRTYRELRLLKHMKH
ENVIGLLDVFTPARSLEEFNDVYLVTHLMGADLNNIVKCQKLTDDHVQFLIYQILRGLKYIHSADIIHRDLKPSNLAVNE
DSELKILDFGLARHTDDEMTGYVATRWYRAPEIMLNWMHYNQTVDIWSVGCIMAELLTGRTLFPGTDHIDQLKLILRLVG
TPGAELLKKISSESARNYIQSLAQMPKMNFANVFIGANPLAVDLLEKMLVLDSDKRITAAQALAHAYFAQYHDPDDEPVA
DPYDQSFESRDLLIDEWKSLTYDEVISFVPPPLDQEEMES
;
_entity_poly.pdbx_strand_id   A
#
loop_
_chem_comp.id
_chem_comp.type
_chem_comp.name
_chem_comp.formula
CA non-polymer 'CALCIUM ION' 'Ca 2'
CL non-polymer 'CHLORIDE ION' 'Cl -1'
OFZ non-polymer 1-(2-adamantylmethyl)-3-ethyl-guanidine 'C14 H25 N3'
SB4 non-polymer 4-(4-FLUOROPHENYL)-1-(4-PIPERIDINYL)-5-(2-AMINO-4-PYRIMIDINYL)-IMIDAZOLE 'C18 H19 F N6'
SO4 non-polymer 'SULFATE ION' 'O4 S -2'
#
# COMPACT_ATOMS: atom_id res chain seq x y z
N ARG A 5 -11.66 -30.42 -14.68
CA ARG A 5 -11.58 -29.02 -15.08
C ARG A 5 -12.79 -28.24 -14.58
N PRO A 6 -12.57 -27.03 -14.08
CA PRO A 6 -13.69 -26.22 -13.58
C PRO A 6 -14.51 -25.64 -14.72
N THR A 7 -15.81 -25.51 -14.46
CA THR A 7 -16.72 -24.88 -15.40
C THR A 7 -16.74 -23.38 -15.15
N PHE A 8 -16.59 -22.60 -16.22
CA PHE A 8 -16.61 -21.15 -16.13
C PHE A 8 -17.95 -20.63 -16.61
N TYR A 9 -18.28 -19.41 -16.17
CA TYR A 9 -19.44 -18.69 -16.67
C TYR A 9 -19.05 -17.25 -16.95
N ARG A 10 -19.86 -16.58 -17.76
CA ARG A 10 -19.59 -15.22 -18.19
C ARG A 10 -20.62 -14.28 -17.58
N GLN A 11 -20.17 -13.08 -17.20
CA GLN A 11 -21.06 -12.06 -16.66
C GLN A 11 -20.48 -10.69 -16.99
N GLU A 12 -21.33 -9.78 -17.46
CA GLU A 12 -20.86 -8.43 -17.75
C GLU A 12 -20.82 -7.62 -16.45
N LEU A 13 -19.64 -7.14 -16.09
CA LEU A 13 -19.41 -6.33 -14.91
C LEU A 13 -18.50 -5.19 -15.33
N ASN A 14 -18.86 -3.98 -14.90
CA ASN A 14 -18.11 -2.77 -15.27
C ASN A 14 -17.96 -2.65 -16.79
N LYS A 15 -19.02 -3.00 -17.51
CA LYS A 15 -19.11 -2.86 -18.97
C LYS A 15 -18.19 -3.81 -19.72
N THR A 16 -17.71 -4.89 -19.11
CA THR A 16 -16.89 -5.87 -19.81
C THR A 16 -17.22 -7.27 -19.32
N ILE A 17 -16.93 -8.28 -20.14
N ILE A 17 -16.91 -8.27 -20.15
CA ILE A 17 -17.20 -9.67 -19.80
CA ILE A 17 -17.19 -9.66 -19.82
C ILE A 17 -16.16 -10.15 -18.80
C ILE A 17 -16.15 -10.15 -18.82
N TRP A 18 -16.62 -10.67 -17.68
CA TRP A 18 -15.80 -11.45 -16.77
C TRP A 18 -16.11 -12.92 -17.02
N GLU A 19 -15.08 -13.76 -16.98
CA GLU A 19 -15.25 -15.20 -17.16
C GLU A 19 -14.58 -15.86 -15.96
N VAL A 20 -15.38 -16.44 -15.08
CA VAL A 20 -14.87 -16.93 -13.79
C VAL A 20 -15.37 -18.35 -13.50
N PRO A 21 -14.65 -19.12 -12.71
CA PRO A 21 -15.13 -20.45 -12.32
C PRO A 21 -16.43 -20.34 -11.53
N GLU A 22 -17.29 -21.35 -11.70
CA GLU A 22 -18.56 -21.38 -10.99
C GLU A 22 -18.38 -21.37 -9.48
N ARG A 23 -17.19 -21.72 -8.99
CA ARG A 23 -16.89 -21.61 -7.56
C ARG A 23 -17.18 -20.22 -7.02
N TYR A 24 -16.94 -19.18 -7.82
CA TYR A 24 -17.12 -17.80 -7.37
C TYR A 24 -18.47 -17.29 -7.82
N GLN A 25 -19.32 -16.91 -6.88
CA GLN A 25 -20.69 -16.52 -7.18
C GLN A 25 -21.00 -15.13 -6.65
N ASN A 26 -22.08 -14.56 -7.16
CA ASN A 26 -22.61 -13.27 -6.69
C ASN A 26 -21.59 -12.14 -6.84
N LEU A 27 -20.98 -12.05 -8.02
CA LEU A 27 -19.98 -11.01 -8.24
C LEU A 27 -20.64 -9.64 -8.24
N SER A 28 -20.02 -8.69 -7.54
N SER A 28 -20.01 -8.69 -7.55
CA SER A 28 -20.55 -7.33 -7.50
CA SER A 28 -20.53 -7.33 -7.43
C SER A 28 -19.37 -6.37 -7.46
C SER A 28 -19.35 -6.36 -7.44
N PRO A 29 -19.38 -5.33 -8.29
CA PRO A 29 -18.23 -4.43 -8.37
C PRO A 29 -17.97 -3.64 -7.09
N VAL A 30 -16.69 -3.56 -6.72
CA VAL A 30 -16.27 -2.81 -5.54
C VAL A 30 -15.10 -1.89 -5.85
N GLY A 31 -14.92 -1.53 -7.11
CA GLY A 31 -14.02 -0.46 -7.50
C GLY A 31 -12.82 -0.94 -8.29
N SER A 32 -12.01 0.04 -8.68
CA SER A 32 -10.83 -0.23 -9.47
C SER A 32 -9.66 -0.51 -8.55
N GLY A 33 -8.70 -1.30 -9.06
CA GLY A 33 -7.43 -1.47 -8.39
C GLY A 33 -6.32 -1.13 -9.37
N ALA A 34 -5.09 -1.39 -8.98
CA ALA A 34 -3.96 -1.13 -9.85
C ALA A 34 -4.09 -1.98 -11.10
N TYR A 35 -4.20 -1.32 -12.26
CA TYR A 35 -4.21 -2.00 -13.56
C TYR A 35 -5.37 -2.99 -13.70
N GLY A 36 -6.46 -2.79 -12.99
CA GLY A 36 -7.57 -3.72 -13.06
C GLY A 36 -8.75 -3.21 -12.27
N SER A 37 -9.81 -4.00 -12.26
CA SER A 37 -11.03 -3.69 -11.53
C SER A 37 -11.42 -4.90 -10.68
N VAL A 38 -12.18 -4.64 -9.62
CA VAL A 38 -12.38 -5.61 -8.54
C VAL A 38 -13.85 -5.86 -8.31
N CYS A 39 -14.21 -7.12 -8.08
CA CYS A 39 -15.56 -7.51 -7.68
C CYS A 39 -15.48 -8.33 -6.39
N ALA A 40 -16.42 -8.07 -5.49
CA ALA A 40 -16.64 -8.98 -4.37
C ALA A 40 -17.34 -10.24 -4.88
N ALA A 41 -17.09 -11.35 -4.22
CA ALA A 41 -17.71 -12.61 -4.62
C ALA A 41 -17.83 -13.53 -3.41
N PHE A 42 -18.64 -14.56 -3.56
CA PHE A 42 -18.78 -15.61 -2.56
C PHE A 42 -18.09 -16.85 -3.09
N ASP A 43 -17.12 -17.35 -2.33
CA ASP A 43 -16.42 -18.58 -2.67
C ASP A 43 -17.22 -19.76 -2.14
N THR A 44 -17.90 -20.48 -3.04
CA THR A 44 -18.76 -21.59 -2.62
C THR A 44 -17.98 -22.79 -2.11
N LYS A 45 -16.66 -22.86 -2.36
CA LYS A 45 -15.87 -23.97 -1.85
C LYS A 45 -15.69 -23.87 -0.34
N THR A 46 -15.49 -22.66 0.18
CA THR A 46 -15.14 -22.46 1.59
C THR A 46 -16.14 -21.59 2.33
N GLY A 47 -17.15 -21.04 1.65
CA GLY A 47 -18.07 -20.12 2.28
C GLY A 47 -17.46 -18.79 2.64
N HIS A 48 -16.28 -18.46 2.13
CA HIS A 48 -15.64 -17.19 2.45
C HIS A 48 -15.96 -16.15 1.39
N ARG A 49 -15.95 -14.89 1.81
CA ARG A 49 -16.08 -13.77 0.89
C ARG A 49 -14.71 -13.40 0.35
N VAL A 50 -14.65 -13.17 -0.97
CA VAL A 50 -13.39 -12.89 -1.63
C VAL A 50 -13.53 -11.64 -2.49
N ALA A 51 -12.39 -11.09 -2.87
CA ALA A 51 -12.32 -10.04 -3.88
C ALA A 51 -11.55 -10.59 -5.07
N VAL A 52 -12.11 -10.40 -6.26
CA VAL A 52 -11.52 -10.88 -7.51
C VAL A 52 -11.14 -9.67 -8.35
N LYS A 53 -9.86 -9.55 -8.67
CA LYS A 53 -9.38 -8.48 -9.55
C LYS A 53 -9.14 -9.03 -10.95
N LYS A 54 -9.81 -8.46 -11.94
CA LYS A 54 -9.53 -8.76 -13.33
C LYS A 54 -8.54 -7.76 -13.87
N LEU A 55 -7.37 -8.22 -14.28
CA LEU A 55 -6.40 -7.27 -14.81
C LEU A 55 -6.88 -6.72 -16.14
N SER A 56 -6.64 -5.43 -16.35
CA SER A 56 -7.05 -4.77 -17.58
C SER A 56 -5.94 -4.92 -18.63
N ARG A 57 -6.26 -5.61 -19.72
CA ARG A 57 -5.37 -5.73 -20.86
C ARG A 57 -3.95 -6.14 -20.44
N PRO A 58 -3.82 -7.27 -19.76
CA PRO A 58 -2.52 -7.59 -19.13
C PRO A 58 -1.37 -7.75 -20.11
N PHE A 59 -1.63 -8.04 -21.38
CA PHE A 59 -0.54 -8.30 -22.33
C PHE A 59 -0.61 -7.40 -23.56
N GLN A 60 -1.14 -6.19 -23.41
CA GLN A 60 -1.31 -5.31 -24.57
C GLN A 60 0.00 -4.74 -25.06
N SER A 61 0.94 -4.52 -24.15
CA SER A 61 2.25 -3.95 -24.48
C SER A 61 3.27 -4.57 -23.54
N ILE A 62 4.54 -4.28 -23.80
CA ILE A 62 5.60 -4.74 -22.93
C ILE A 62 5.45 -4.15 -21.54
N ILE A 63 4.86 -2.96 -21.44
CA ILE A 63 4.65 -2.34 -20.15
C ILE A 63 3.60 -3.11 -19.36
N HIS A 64 2.47 -3.42 -20.01
CA HIS A 64 1.43 -4.18 -19.35
C HIS A 64 1.92 -5.59 -19.01
N ALA A 65 2.63 -6.23 -19.94
CA ALA A 65 3.01 -7.62 -19.73
C ALA A 65 3.96 -7.76 -18.55
N LYS A 66 4.95 -6.86 -18.45
CA LYS A 66 5.88 -6.97 -17.35
C LYS A 66 5.22 -6.59 -16.03
N ARG A 67 4.30 -5.62 -16.06
CA ARG A 67 3.62 -5.27 -14.82
C ARG A 67 2.69 -6.38 -14.37
N THR A 68 2.09 -7.13 -15.30
CA THR A 68 1.28 -8.29 -14.94
C THR A 68 2.14 -9.35 -14.25
N TYR A 69 3.29 -9.67 -14.85
CA TYR A 69 4.21 -10.63 -14.23
C TYR A 69 4.67 -10.12 -12.87
N ARG A 70 5.04 -8.85 -12.79
CA ARG A 70 5.51 -8.26 -11.54
C ARG A 70 4.47 -8.42 -10.44
N GLU A 71 3.21 -8.07 -10.74
CA GLU A 71 2.17 -8.12 -9.72
C GLU A 71 1.89 -9.56 -9.29
N LEU A 72 1.83 -10.48 -10.26
CA LEU A 72 1.57 -11.88 -9.89
C LEU A 72 2.71 -12.44 -9.04
N ARG A 73 3.96 -12.16 -9.43
CA ARG A 73 5.10 -12.65 -8.65
C ARG A 73 5.09 -12.07 -7.24
N LEU A 74 4.81 -10.79 -7.12
CA LEU A 74 4.79 -10.16 -5.82
C LEU A 74 3.69 -10.75 -4.95
N LEU A 75 2.48 -10.85 -5.50
CA LEU A 75 1.37 -11.30 -4.68
C LEU A 75 1.51 -12.78 -4.32
N LYS A 76 2.15 -13.58 -5.17
CA LYS A 76 2.42 -14.96 -4.82
C LYS A 76 3.42 -15.08 -3.67
N HIS A 77 4.26 -14.06 -3.50
CA HIS A 77 5.28 -14.10 -2.44
C HIS A 77 4.77 -13.61 -1.09
N MET A 78 3.78 -12.70 -1.08
CA MET A 78 3.37 -12.00 0.13
C MET A 78 2.48 -12.91 0.97
N LYS A 79 2.96 -13.29 2.16
CA LYS A 79 2.24 -14.17 3.08
C LYS A 79 2.31 -13.53 4.48
N HIS A 80 1.45 -12.55 4.71
CA HIS A 80 1.46 -11.79 5.96
C HIS A 80 0.06 -11.26 6.21
N GLU A 81 -0.37 -11.29 7.47
CA GLU A 81 -1.75 -10.93 7.78
C GLU A 81 -2.08 -9.47 7.53
N ASN A 82 -1.08 -8.58 7.36
CA ASN A 82 -1.31 -7.18 7.09
C ASN A 82 -0.90 -6.78 5.68
N VAL A 83 -0.79 -7.76 4.77
CA VAL A 83 -0.40 -7.52 3.40
C VAL A 83 -1.32 -8.33 2.50
N ILE A 84 -1.81 -7.71 1.42
CA ILE A 84 -2.64 -8.44 0.47
C ILE A 84 -1.82 -9.56 -0.14
N GLY A 85 -2.37 -10.76 -0.12
CA GLY A 85 -1.79 -11.94 -0.74
C GLY A 85 -2.86 -12.68 -1.51
N LEU A 86 -2.58 -13.90 -1.96
CA LEU A 86 -3.44 -14.58 -2.92
C LEU A 86 -4.07 -15.82 -2.32
N LEU A 87 -5.38 -15.94 -2.51
CA LEU A 87 -6.09 -17.19 -2.29
C LEU A 87 -6.16 -18.02 -3.56
N ASP A 88 -6.14 -17.38 -4.71
CA ASP A 88 -6.32 -18.07 -5.98
C ASP A 88 -5.87 -17.13 -7.08
N VAL A 89 -5.51 -17.73 -8.20
CA VAL A 89 -5.29 -17.00 -9.45
C VAL A 89 -5.77 -17.91 -10.56
N PHE A 90 -6.53 -17.35 -11.50
CA PHE A 90 -7.11 -18.18 -12.55
C PHE A 90 -7.17 -17.43 -13.88
N THR A 91 -7.36 -18.20 -14.94
CA THR A 91 -7.56 -17.69 -16.26
C THR A 91 -8.55 -18.64 -16.94
N PRO A 92 -9.46 -18.10 -17.76
CA PRO A 92 -10.33 -18.98 -18.57
C PRO A 92 -9.60 -19.66 -19.70
N ALA A 93 -8.34 -19.32 -19.96
CA ALA A 93 -7.59 -19.93 -21.06
C ALA A 93 -7.30 -21.39 -20.76
N ARG A 94 -7.36 -22.22 -21.81
CA ARG A 94 -7.00 -23.62 -21.71
C ARG A 94 -5.56 -23.90 -22.10
N SER A 95 -4.86 -22.90 -22.64
CA SER A 95 -3.49 -23.08 -23.09
C SER A 95 -2.85 -21.71 -23.16
N LEU A 96 -1.51 -21.70 -23.26
CA LEU A 96 -0.78 -20.46 -23.41
C LEU A 96 -1.22 -19.71 -24.66
N GLU A 97 -1.51 -20.46 -25.73
CA GLU A 97 -1.89 -19.83 -26.99
C GLU A 97 -3.15 -19.00 -26.84
N GLU A 98 -4.05 -19.39 -25.93
CA GLU A 98 -5.32 -18.76 -25.66
C GLU A 98 -5.23 -17.71 -24.56
N PHE A 99 -4.08 -17.58 -23.91
CA PHE A 99 -3.98 -16.88 -22.63
C PHE A 99 -3.95 -15.37 -22.83
N ASN A 100 -4.99 -14.69 -22.34
CA ASN A 100 -5.02 -13.24 -22.45
C ASN A 100 -5.70 -12.54 -21.27
N ASP A 101 -6.10 -13.27 -20.23
CA ASP A 101 -6.83 -12.69 -19.11
C ASP A 101 -6.34 -13.34 -17.82
N VAL A 102 -6.19 -12.53 -16.77
CA VAL A 102 -5.64 -12.96 -15.49
C VAL A 102 -6.54 -12.41 -14.40
N TYR A 103 -6.97 -13.27 -13.48
CA TYR A 103 -7.79 -12.86 -12.35
C TYR A 103 -7.09 -13.27 -11.07
N LEU A 104 -7.02 -12.34 -10.12
CA LEU A 104 -6.37 -12.52 -8.83
C LEU A 104 -7.43 -12.51 -7.73
N VAL A 105 -7.31 -13.41 -6.77
CA VAL A 105 -8.33 -13.56 -5.73
C VAL A 105 -7.68 -13.38 -4.35
N THR A 106 -8.30 -12.57 -3.49
CA THR A 106 -7.84 -12.40 -2.12
C THR A 106 -9.05 -12.33 -1.19
N HIS A 107 -8.80 -12.34 0.11
CA HIS A 107 -9.89 -12.20 1.07
C HIS A 107 -10.56 -10.84 0.89
N LEU A 108 -11.88 -10.81 0.98
CA LEU A 108 -12.61 -9.55 0.83
C LEU A 108 -12.36 -8.61 2.01
N MET A 109 -12.02 -7.36 1.69
CA MET A 109 -11.89 -6.28 2.67
C MET A 109 -12.83 -5.17 2.25
N GLY A 110 -13.80 -4.84 3.11
CA GLY A 110 -14.94 -4.04 2.67
C GLY A 110 -14.67 -2.57 2.42
N ALA A 111 -13.58 -2.03 2.97
CA ALA A 111 -13.41 -0.58 3.04
C ALA A 111 -11.96 -0.20 2.80
N ASP A 112 -11.68 1.09 2.72
CA ASP A 112 -10.31 1.57 2.85
C ASP A 112 -10.22 2.48 4.06
N LEU A 113 -9.01 2.96 4.35
CA LEU A 113 -8.82 3.70 5.58
C LEU A 113 -9.61 5.01 5.60
N ASN A 114 -9.83 5.61 4.42
CA ASN A 114 -10.70 6.78 4.36
C ASN A 114 -12.11 6.48 4.89
N ASN A 115 -12.57 5.23 4.77
N ASN A 115 -12.56 5.22 4.75
CA ASN A 115 -13.86 4.87 5.33
CA ASN A 115 -13.87 4.75 5.21
C ASN A 115 -13.84 4.73 6.85
C ASN A 115 -13.81 4.01 6.54
N ILE A 116 -12.67 4.52 7.45
N ILE A 116 -12.81 4.28 7.38
CA ILE A 116 -12.58 4.35 8.89
CA ILE A 116 -12.63 3.50 8.60
C ILE A 116 -12.59 5.70 9.61
C ILE A 116 -13.89 3.62 9.47
N VAL A 117 -11.87 6.68 9.08
N VAL A 117 -14.46 2.47 9.85
CA VAL A 117 -11.69 7.95 9.78
CA VAL A 117 -15.63 2.48 10.71
C VAL A 117 -12.71 9.01 9.40
C VAL A 117 -15.26 3.05 12.06
N LYS A 118 -13.46 8.83 8.32
N LYS A 118 -16.12 3.93 12.59
CA LYS A 118 -14.33 9.88 7.79
CA LYS A 118 -15.83 4.62 13.83
C LYS A 118 -15.37 10.32 8.82
C LYS A 118 -17.12 5.20 14.38
N CYS A 119 -16.22 9.40 9.26
N CYS A 119 -17.07 5.57 15.65
CA CYS A 119 -17.36 9.71 10.10
CA CYS A 119 -18.17 6.26 16.31
C CYS A 119 -17.19 9.15 11.52
C CYS A 119 -17.73 7.70 16.51
N GLN A 120 -15.98 9.16 12.05
N GLN A 120 -18.01 8.53 15.50
CA GLN A 120 -15.72 8.56 13.35
CA GLN A 120 -17.53 9.91 15.42
C GLN A 120 -14.53 9.26 13.99
C GLN A 120 -16.02 9.94 15.23
N LYS A 121 -14.75 9.83 15.18
N LYS A 121 -15.28 10.17 16.32
CA LYS A 121 -13.64 10.29 16.01
CA LYS A 121 -13.83 10.29 16.27
C LYS A 121 -12.97 9.05 16.59
C LYS A 121 -13.18 8.97 16.69
N LEU A 122 -11.82 8.69 16.04
N LEU A 122 -11.98 8.73 16.17
CA LEU A 122 -11.14 7.48 16.49
CA LEU A 122 -11.23 7.55 16.52
C LEU A 122 -10.56 7.70 17.89
C LEU A 122 -10.58 7.71 17.89
N THR A 123 -10.68 6.68 18.73
CA THR A 123 -9.96 6.72 19.98
C THR A 123 -8.48 6.49 19.72
N ASP A 124 -7.67 6.91 20.69
CA ASP A 124 -6.23 6.70 20.58
C ASP A 124 -5.88 5.21 20.51
N ASP A 125 -6.60 4.38 21.25
CA ASP A 125 -6.33 2.95 21.20
C ASP A 125 -6.61 2.37 19.83
N HIS A 126 -7.62 2.92 19.16
CA HIS A 126 -7.97 2.46 17.81
C HIS A 126 -6.94 2.93 16.80
N VAL A 127 -6.51 4.19 16.92
CA VAL A 127 -5.44 4.69 16.04
C VAL A 127 -4.18 3.85 16.21
N GLN A 128 -3.82 3.53 17.46
CA GLN A 128 -2.67 2.66 17.70
C GLN A 128 -2.79 1.37 16.92
N PHE A 129 -3.96 0.74 16.96
CA PHE A 129 -4.14 -0.54 16.27
C PHE A 129 -3.99 -0.38 14.76
N LEU A 130 -4.58 0.66 14.18
CA LEU A 130 -4.49 0.87 12.74
C LEU A 130 -3.05 1.11 12.30
N ILE A 131 -2.34 2.00 13.00
CA ILE A 131 -0.96 2.31 12.61
C ILE A 131 -0.04 1.13 12.87
N TYR A 132 -0.24 0.44 14.00
CA TYR A 132 0.52 -0.78 14.29
C TYR A 132 0.45 -1.75 13.12
N GLN A 133 -0.75 -1.98 12.58
CA GLN A 133 -0.90 -2.95 11.51
C GLN A 133 -0.18 -2.50 10.24
N ILE A 134 -0.27 -1.21 9.90
CA ILE A 134 0.48 -0.71 8.75
C ILE A 134 1.96 -1.00 8.93
N LEU A 135 2.49 -0.68 10.11
CA LEU A 135 3.92 -0.85 10.36
C LEU A 135 4.32 -2.32 10.34
N ARG A 136 3.46 -3.21 10.83
CA ARG A 136 3.78 -4.63 10.78
C ARG A 136 3.86 -5.10 9.33
N GLY A 137 2.91 -4.67 8.50
CA GLY A 137 2.96 -5.01 7.08
C GLY A 137 4.19 -4.42 6.39
N LEU A 138 4.55 -3.19 6.75
CA LEU A 138 5.72 -2.56 6.14
C LEU A 138 7.00 -3.26 6.57
N LYS A 139 7.12 -3.66 7.85
CA LYS A 139 8.32 -4.40 8.25
C LYS A 139 8.51 -5.61 7.35
N TYR A 140 7.43 -6.32 7.07
CA TYR A 140 7.48 -7.50 6.23
C TYR A 140 7.87 -7.18 4.81
N ILE A 141 7.17 -6.24 4.15
CA ILE A 141 7.55 -5.97 2.76
C ILE A 141 8.95 -5.39 2.65
N HIS A 142 9.32 -4.48 3.56
CA HIS A 142 10.66 -3.88 3.51
C HIS A 142 11.75 -4.93 3.70
N SER A 143 11.47 -5.96 4.48
CA SER A 143 12.46 -6.99 4.71
C SER A 143 12.74 -7.81 3.46
N ALA A 144 11.83 -7.79 2.47
CA ALA A 144 12.06 -8.41 1.17
C ALA A 144 12.55 -7.40 0.11
N ASP A 145 13.01 -6.22 0.56
CA ASP A 145 13.49 -5.18 -0.36
C ASP A 145 12.40 -4.73 -1.32
N ILE A 146 11.17 -4.66 -0.81
CA ILE A 146 10.01 -4.18 -1.55
C ILE A 146 9.53 -2.92 -0.83
N ILE A 147 9.36 -1.84 -1.58
CA ILE A 147 8.93 -0.55 -1.05
C ILE A 147 7.58 -0.21 -1.68
N HIS A 148 6.70 0.45 -0.91
CA HIS A 148 5.43 0.84 -1.49
C HIS A 148 5.60 2.03 -2.43
N ARG A 149 6.09 3.15 -1.91
CA ARG A 149 6.37 4.39 -2.62
C ARG A 149 5.14 5.28 -2.81
N ASP A 150 3.92 4.78 -2.60
CA ASP A 150 2.74 5.62 -2.73
C ASP A 150 1.71 5.20 -1.70
N LEU A 151 2.17 5.01 -0.47
CA LEU A 151 1.31 4.60 0.62
C LEU A 151 0.37 5.75 1.00
N LYS A 152 -0.91 5.44 1.18
CA LYS A 152 -1.93 6.45 1.42
C LYS A 152 -3.18 5.71 1.88
N PRO A 153 -4.15 6.42 2.45
CA PRO A 153 -5.33 5.71 2.99
C PRO A 153 -6.06 4.86 1.96
N SER A 154 -6.12 5.27 0.70
CA SER A 154 -6.83 4.49 -0.30
C SER A 154 -6.09 3.23 -0.71
N ASN A 155 -4.83 3.08 -0.28
CA ASN A 155 -4.06 1.87 -0.49
C ASN A 155 -3.99 0.99 0.75
N LEU A 156 -4.86 1.25 1.73
CA LEU A 156 -4.96 0.43 2.92
C LEU A 156 -6.37 -0.15 2.98
N ALA A 157 -6.48 -1.44 2.72
CA ALA A 157 -7.77 -2.12 2.76
C ALA A 157 -8.09 -2.50 4.21
N VAL A 158 -9.34 -2.28 4.61
CA VAL A 158 -9.76 -2.49 5.99
C VAL A 158 -11.07 -3.25 5.98
N ASN A 159 -11.22 -4.17 6.92
CA ASN A 159 -12.48 -4.89 7.04
C ASN A 159 -13.33 -4.32 8.16
N GLU A 160 -14.44 -5.00 8.46
CA GLU A 160 -15.45 -4.52 9.39
C GLU A 160 -14.94 -4.47 10.82
N ASP A 161 -13.86 -5.18 11.11
CA ASP A 161 -13.26 -5.20 12.44
C ASP A 161 -11.97 -4.42 12.52
N SER A 162 -11.71 -3.52 11.55
CA SER A 162 -10.54 -2.66 11.55
C SER A 162 -9.25 -3.42 11.31
N GLU A 163 -9.34 -4.66 10.83
CA GLU A 163 -8.14 -5.35 10.38
C GLU A 163 -7.74 -4.78 9.03
N LEU A 164 -6.45 -4.58 8.85
CA LEU A 164 -5.92 -3.76 7.75
C LEU A 164 -4.89 -4.54 6.95
N LYS A 165 -4.88 -4.31 5.63
CA LYS A 165 -3.85 -4.87 4.75
C LYS A 165 -3.33 -3.82 3.77
N ILE A 166 -2.02 -3.82 3.56
CA ILE A 166 -1.41 -2.93 2.58
C ILE A 166 -1.60 -3.51 1.20
N LEU A 167 -1.94 -2.67 0.23
CA LEU A 167 -2.01 -3.14 -1.14
C LEU A 167 -1.42 -2.14 -2.10
N ASP A 168 -1.24 -2.62 -3.32
CA ASP A 168 -0.68 -1.84 -4.42
C ASP A 168 0.74 -1.36 -4.14
N PHE A 169 1.49 -2.14 -3.34
CA PHE A 169 2.90 -1.90 -3.08
C PHE A 169 3.73 -2.49 -4.21
N GLY A 170 4.96 -2.00 -4.33
CA GLY A 170 5.93 -2.58 -5.24
C GLY A 170 5.60 -2.45 -6.71
N LEU A 171 4.67 -1.58 -7.06
CA LEU A 171 4.18 -1.45 -8.43
C LEU A 171 4.71 -0.17 -9.05
N ALA A 172 4.50 -0.07 -10.38
CA ALA A 172 4.85 1.09 -11.19
C ALA A 172 6.36 1.30 -11.31
N ARG A 173 6.93 0.86 -12.43
CA ARG A 173 8.35 1.07 -12.70
C ARG A 173 8.54 1.99 -13.91
N TYR A 182 -6.13 9.52 -14.85
CA TYR A 182 -5.95 9.21 -13.43
C TYR A 182 -5.00 10.21 -12.76
N VAL A 183 -5.51 10.95 -11.78
CA VAL A 183 -4.72 11.91 -11.01
C VAL A 183 -4.70 11.45 -9.56
N ALA A 184 -3.51 11.16 -9.05
CA ALA A 184 -3.38 10.61 -7.70
C ALA A 184 -3.16 11.73 -6.69
N THR A 185 -3.58 11.48 -5.45
N THR A 185 -3.56 11.49 -5.46
CA THR A 185 -3.21 12.36 -4.35
CA THR A 185 -3.22 12.43 -4.41
C THR A 185 -1.72 12.24 -4.08
C THR A 185 -1.76 12.26 -4.00
N ARG A 186 -1.09 13.38 -3.80
CA ARG A 186 0.30 13.39 -3.39
C ARG A 186 0.47 13.79 -1.93
N TRP A 187 -0.63 13.95 -1.20
CA TRP A 187 -0.57 14.48 0.16
C TRP A 187 0.19 13.59 1.12
N TYR A 188 0.35 12.31 0.81
CA TYR A 188 0.99 11.36 1.71
C TYR A 188 2.36 10.93 1.21
N ARG A 189 2.78 11.44 0.05
CA ARG A 189 4.03 10.99 -0.55
C ARG A 189 5.22 11.59 0.17
N ALA A 190 6.27 10.81 0.26
CA ALA A 190 7.49 11.29 0.86
C ALA A 190 8.06 12.42 0.02
N PRO A 191 8.62 13.45 0.65
CA PRO A 191 9.20 14.56 -0.13
C PRO A 191 10.22 14.11 -1.16
N GLU A 192 11.04 13.10 -0.84
CA GLU A 192 12.03 12.64 -1.80
C GLU A 192 11.41 11.99 -3.03
N ILE A 193 10.21 11.45 -2.91
CA ILE A 193 9.50 10.87 -4.05
C ILE A 193 8.77 11.95 -4.84
N MET A 194 8.03 12.79 -4.12
CA MET A 194 7.24 13.83 -4.77
C MET A 194 8.12 14.75 -5.61
N LEU A 195 9.33 15.02 -5.15
CA LEU A 195 10.21 15.98 -5.79
C LEU A 195 11.34 15.33 -6.59
N ASN A 196 11.30 14.01 -6.78
CA ASN A 196 12.26 13.31 -7.65
C ASN A 196 13.69 13.49 -7.18
N TRP A 197 13.92 13.36 -5.87
CA TRP A 197 15.27 13.43 -5.35
C TRP A 197 16.05 12.19 -5.76
N MET A 198 17.38 12.32 -5.80
CA MET A 198 18.20 11.38 -6.57
C MET A 198 18.20 9.99 -5.97
N HIS A 199 18.25 9.87 -4.64
CA HIS A 199 18.28 8.57 -4.00
C HIS A 199 17.42 8.59 -2.74
N TYR A 200 16.78 7.45 -2.46
CA TYR A 200 15.90 7.31 -1.31
C TYR A 200 15.92 5.87 -0.84
N ASN A 201 15.31 5.63 0.32
CA ASN A 201 15.30 4.28 0.88
C ASN A 201 13.90 3.84 1.29
N GLN A 202 13.81 2.72 2.00
CA GLN A 202 12.51 2.17 2.40
C GLN A 202 11.72 3.12 3.28
N THR A 203 12.40 4.04 3.99
CA THR A 203 11.67 4.95 4.88
C THR A 203 10.83 5.98 4.15
N VAL A 204 10.81 6.01 2.80
CA VAL A 204 9.78 6.81 2.12
C VAL A 204 8.40 6.44 2.67
N ASP A 205 8.18 5.15 2.94
CA ASP A 205 6.87 4.72 3.39
C ASP A 205 6.57 5.19 4.81
N ILE A 206 7.61 5.44 5.60
CA ILE A 206 7.41 5.89 6.98
C ILE A 206 6.92 7.32 7.01
N TRP A 207 7.40 8.18 6.10
CA TRP A 207 6.80 9.51 5.96
C TRP A 207 5.30 9.38 5.74
N SER A 208 4.90 8.50 4.83
CA SER A 208 3.48 8.31 4.55
C SER A 208 2.72 7.88 5.80
N VAL A 209 3.28 6.96 6.59
CA VAL A 209 2.65 6.55 7.84
C VAL A 209 2.45 7.76 8.75
N GLY A 210 3.47 8.60 8.88
CA GLY A 210 3.32 9.80 9.70
C GLY A 210 2.17 10.69 9.25
N CYS A 211 2.04 10.89 7.94
CA CYS A 211 0.94 11.69 7.41
C CYS A 211 -0.40 11.04 7.70
N ILE A 212 -0.47 9.72 7.55
CA ILE A 212 -1.72 9.01 7.81
C ILE A 212 -2.07 9.09 9.29
N MET A 213 -1.08 8.82 10.14
CA MET A 213 -1.31 8.84 11.58
C MET A 213 -1.77 10.22 12.05
N ALA A 214 -1.12 11.27 11.57
CA ALA A 214 -1.53 12.64 11.92
C ALA A 214 -2.99 12.86 11.60
N GLU A 215 -3.43 12.41 10.43
CA GLU A 215 -4.81 12.60 10.01
C GLU A 215 -5.79 11.77 10.84
N LEU A 216 -5.40 10.55 11.22
CA LEU A 216 -6.25 9.75 12.10
C LEU A 216 -6.40 10.40 13.47
N LEU A 217 -5.37 11.11 13.94
CA LEU A 217 -5.43 11.72 15.27
C LEU A 217 -6.24 13.01 15.27
N THR A 218 -6.15 13.82 14.22
CA THR A 218 -6.78 15.12 14.20
C THR A 218 -8.04 15.18 13.34
N GLY A 219 -8.26 14.19 12.49
CA GLY A 219 -9.34 14.27 11.53
C GLY A 219 -9.10 15.21 10.36
N ARG A 220 -7.89 15.77 10.23
CA ARG A 220 -7.58 16.72 9.17
C ARG A 220 -6.34 16.26 8.43
N THR A 221 -6.34 16.46 7.11
CA THR A 221 -5.15 16.19 6.32
C THR A 221 -3.99 17.05 6.81
N LEU A 222 -2.83 16.44 6.96
CA LEU A 222 -1.67 17.15 7.48
C LEU A 222 -1.12 18.15 6.45
N PHE A 223 -0.88 17.70 5.22
CA PHE A 223 -0.26 18.54 4.19
C PHE A 223 -1.13 18.57 2.94
N PRO A 224 -2.27 19.25 2.97
CA PRO A 224 -3.18 19.28 1.80
C PRO A 224 -2.75 20.29 0.74
N GLY A 225 -1.59 20.06 0.13
CA GLY A 225 -1.07 21.00 -0.85
C GLY A 225 -1.83 20.97 -2.16
N THR A 226 -1.95 22.13 -2.78
CA THR A 226 -2.62 22.25 -4.07
C THR A 226 -1.73 21.89 -5.24
N ASP A 227 -0.41 22.03 -5.08
CA ASP A 227 0.56 21.61 -6.08
C ASP A 227 1.83 21.24 -5.34
N HIS A 228 2.86 20.83 -6.09
CA HIS A 228 4.06 20.34 -5.42
C HIS A 228 4.78 21.45 -4.65
N ILE A 229 4.68 22.70 -5.11
CA ILE A 229 5.30 23.80 -4.40
C ILE A 229 4.54 24.13 -3.12
N ASP A 230 3.21 24.22 -3.21
CA ASP A 230 2.40 24.49 -2.03
C ASP A 230 2.54 23.36 -1.01
N GLN A 231 2.63 22.12 -1.49
CA GLN A 231 2.81 21.01 -0.56
C GLN A 231 4.15 21.09 0.15
N LEU A 232 5.21 21.42 -0.59
CA LEU A 232 6.52 21.57 0.04
C LEU A 232 6.50 22.67 1.10
N LYS A 233 5.87 23.80 0.79
CA LYS A 233 5.81 24.90 1.75
C LYS A 233 5.08 24.48 3.02
N LEU A 234 3.99 23.70 2.88
CA LEU A 234 3.30 23.21 4.06
C LEU A 234 4.20 22.30 4.89
N ILE A 235 4.93 21.42 4.22
CA ILE A 235 5.82 20.51 4.92
C ILE A 235 6.89 21.29 5.68
N LEU A 236 7.53 22.27 5.02
CA LEU A 236 8.59 23.02 5.66
C LEU A 236 8.09 23.86 6.83
N ARG A 237 6.83 24.29 6.79
CA ARG A 237 6.29 25.02 7.94
C ARG A 237 6.23 24.15 9.19
N LEU A 238 6.01 22.84 9.03
CA LEU A 238 5.99 21.95 10.17
C LEU A 238 7.40 21.55 10.59
N VAL A 239 8.22 21.09 9.64
CA VAL A 239 9.49 20.44 9.97
C VAL A 239 10.68 21.40 9.93
N GLY A 240 10.50 22.61 9.46
CA GLY A 240 11.58 23.57 9.39
C GLY A 240 12.40 23.45 8.11
N THR A 241 13.15 24.50 7.84
CA THR A 241 13.97 24.53 6.65
C THR A 241 15.11 23.51 6.78
N PRO A 242 15.43 22.80 5.71
CA PRO A 242 16.49 21.80 5.79
C PRO A 242 17.84 22.44 5.63
N GLY A 243 18.85 21.69 6.01
CA GLY A 243 20.21 22.13 5.80
C GLY A 243 20.67 21.93 4.38
N ALA A 244 21.85 22.48 4.12
CA ALA A 244 22.45 22.34 2.80
C ALA A 244 22.71 20.89 2.46
N GLU A 245 23.00 20.06 3.47
CA GLU A 245 23.20 18.63 3.23
C GLU A 245 22.05 18.04 2.44
N LEU A 246 20.82 18.49 2.71
CA LEU A 246 19.67 17.95 1.99
C LEU A 246 19.68 18.35 0.51
N LEU A 247 20.27 19.50 0.18
CA LEU A 247 20.36 19.89 -1.23
C LEU A 247 21.16 18.89 -2.03
N LYS A 248 22.10 18.17 -1.38
CA LYS A 248 22.92 17.16 -2.04
C LYS A 248 22.07 16.19 -2.85
N LYS A 249 20.83 15.95 -2.40
CA LYS A 249 19.97 14.92 -2.98
C LYS A 249 19.20 15.38 -4.21
N ILE A 250 19.23 16.67 -4.54
CA ILE A 250 18.33 17.25 -5.53
C ILE A 250 19.12 17.57 -6.79
N SER A 251 18.72 17.01 -7.93
CA SER A 251 19.49 17.22 -9.14
C SER A 251 19.26 18.61 -9.74
N SER A 252 18.01 19.05 -9.84
CA SER A 252 17.68 20.28 -10.56
C SER A 252 18.25 21.50 -9.85
N GLU A 253 19.06 22.29 -10.57
CA GLU A 253 19.59 23.52 -9.99
C GLU A 253 18.47 24.51 -9.68
N SER A 254 17.48 24.62 -10.56
CA SER A 254 16.38 25.54 -10.34
C SER A 254 15.62 25.20 -9.06
N ALA A 255 15.39 23.91 -8.82
CA ALA A 255 14.72 23.48 -7.60
C ALA A 255 15.58 23.77 -6.36
N ARG A 256 16.88 23.44 -6.43
CA ARG A 256 17.76 23.74 -5.30
C ARG A 256 17.79 25.23 -5.01
N ASN A 257 17.98 26.04 -6.06
CA ASN A 257 18.01 27.49 -5.87
C ASN A 257 16.72 27.98 -5.22
N TYR A 258 15.58 27.45 -5.66
CA TYR A 258 14.30 27.87 -5.10
C TYR A 258 14.23 27.55 -3.61
N ILE A 259 14.48 26.29 -3.25
CA ILE A 259 14.43 25.87 -1.85
C ILE A 259 15.40 26.68 -1.02
N GLN A 260 16.62 26.86 -1.51
CA GLN A 260 17.62 27.64 -0.78
C GLN A 260 17.18 29.08 -0.57
N SER A 261 16.41 29.62 -1.52
CA SER A 261 15.97 31.02 -1.45
C SER A 261 14.84 31.25 -0.46
N LEU A 262 14.19 30.18 0.00
CA LEU A 262 13.07 30.36 0.94
C LEU A 262 13.59 30.93 2.26
N ALA A 263 12.74 31.76 2.88
CA ALA A 263 13.07 32.32 4.19
C ALA A 263 13.17 31.19 5.21
N GLN A 264 14.13 31.32 6.13
CA GLN A 264 14.37 30.28 7.12
C GLN A 264 13.20 30.18 8.08
N MET A 265 12.71 28.96 8.26
CA MET A 265 11.60 28.60 9.12
C MET A 265 12.06 27.59 10.14
N PRO A 266 11.76 27.79 11.42
CA PRO A 266 12.14 26.82 12.43
C PRO A 266 11.18 25.64 12.40
N LYS A 267 11.67 24.52 12.91
CA LYS A 267 10.81 23.38 13.13
C LYS A 267 9.79 23.69 14.22
N MET A 268 8.55 23.26 14.02
CA MET A 268 7.55 23.43 15.05
C MET A 268 7.70 22.31 16.08
N ASN A 269 7.35 22.62 17.33
CA ASN A 269 7.22 21.58 18.35
C ASN A 269 5.89 20.86 18.09
N PHE A 270 5.96 19.56 17.78
CA PHE A 270 4.74 18.85 17.41
C PHE A 270 3.72 18.84 18.54
N ALA A 271 4.16 18.98 19.80
CA ALA A 271 3.23 19.03 20.93
C ALA A 271 2.31 20.25 20.82
N ASN A 272 2.76 21.32 20.18
CA ASN A 272 1.95 22.50 19.93
C ASN A 272 1.06 22.36 18.70
N VAL A 273 1.29 21.34 17.87
CA VAL A 273 0.50 21.10 16.69
C VAL A 273 -0.61 20.10 16.95
N PHE A 274 -0.27 18.99 17.59
CA PHE A 274 -1.24 17.93 17.89
C PHE A 274 -1.72 18.05 19.33
N ILE A 275 -2.42 19.16 19.58
CA ILE A 275 -2.87 19.49 20.93
C ILE A 275 -3.81 18.40 21.44
N GLY A 276 -3.53 17.92 22.65
CA GLY A 276 -4.38 16.92 23.26
C GLY A 276 -4.10 15.50 22.86
N ALA A 277 -3.11 15.25 22.00
CA ALA A 277 -2.79 13.89 21.62
C ALA A 277 -1.93 13.21 22.69
N ASN A 278 -1.99 11.89 22.71
CA ASN A 278 -1.12 11.08 23.55
C ASN A 278 0.32 11.51 23.31
N PRO A 279 1.06 11.89 24.36
CA PRO A 279 2.45 12.33 24.13
C PRO A 279 3.31 11.29 23.42
N LEU A 280 3.00 10.01 23.59
CA LEU A 280 3.72 8.97 22.86
C LEU A 280 3.44 9.03 21.37
N ALA A 281 2.21 9.42 20.99
CA ALA A 281 1.90 9.59 19.57
C ALA A 281 2.68 10.75 19.00
N VAL A 282 2.77 11.84 19.76
CA VAL A 282 3.53 13.01 19.32
C VAL A 282 4.99 12.65 19.12
N ASP A 283 5.58 11.91 20.07
CA ASP A 283 6.97 11.52 19.94
C ASP A 283 7.19 10.66 18.70
N LEU A 284 6.28 9.71 18.45
CA LEU A 284 6.41 8.87 17.28
C LEU A 284 6.32 9.69 16.00
N LEU A 285 5.39 10.65 15.93
CA LEU A 285 5.30 11.50 14.76
C LEU A 285 6.61 12.28 14.54
N GLU A 286 7.23 12.76 15.61
CA GLU A 286 8.49 13.47 15.47
C GLU A 286 9.56 12.61 14.84
N LYS A 287 9.51 11.30 15.09
CA LYS A 287 10.50 10.37 14.56
C LYS A 287 10.19 9.95 13.14
N MET A 288 8.94 10.08 12.69
CA MET A 288 8.56 9.70 11.32
C MET A 288 8.66 10.88 10.37
N LEU A 289 8.25 12.06 10.79
CA LEU A 289 8.11 13.21 9.91
C LEU A 289 9.38 14.07 9.93
N VAL A 290 10.47 13.45 9.47
N VAL A 290 10.49 13.45 9.54
CA VAL A 290 11.79 14.06 9.35
CA VAL A 290 11.76 14.15 9.36
C VAL A 290 12.16 14.06 7.88
C VAL A 290 12.13 14.09 7.89
N LEU A 291 12.69 15.19 7.38
CA LEU A 291 13.07 15.26 5.97
C LEU A 291 14.28 14.37 5.66
N ASP A 292 15.21 14.26 6.62
CA ASP A 292 16.40 13.43 6.46
C ASP A 292 15.97 11.96 6.50
N SER A 293 15.92 11.34 5.32
CA SER A 293 15.41 9.97 5.25
C SER A 293 16.33 8.99 5.95
N ASP A 294 17.64 9.28 6.01
CA ASP A 294 18.53 8.43 6.80
C ASP A 294 18.29 8.59 8.30
N LYS A 295 17.62 9.67 8.71
CA LYS A 295 17.28 9.95 10.10
C LYS A 295 15.90 9.43 10.50
N ARG A 296 15.12 8.95 9.52
CA ARG A 296 13.74 8.55 9.78
C ARG A 296 13.71 7.17 10.44
N ILE A 297 12.78 7.00 11.39
CA ILE A 297 12.61 5.71 12.05
C ILE A 297 12.18 4.66 11.02
N THR A 298 12.66 3.43 11.19
CA THR A 298 12.25 2.34 10.32
C THR A 298 10.97 1.70 10.84
N ALA A 299 10.35 0.86 10.01
CA ALA A 299 9.14 0.16 10.46
C ALA A 299 9.41 -0.72 11.66
N ALA A 300 10.51 -1.49 11.61
CA ALA A 300 10.83 -2.38 12.72
C ALA A 300 11.09 -1.60 14.01
N GLN A 301 11.78 -0.47 13.91
CA GLN A 301 12.01 0.35 15.09
C GLN A 301 10.71 0.93 15.61
N ALA A 302 9.82 1.35 14.71
CA ALA A 302 8.56 1.95 15.16
C ALA A 302 7.69 0.95 15.91
N LEU A 303 7.75 -0.33 15.52
CA LEU A 303 6.94 -1.34 16.19
C LEU A 303 7.35 -1.49 17.65
N ALA A 304 8.59 -1.16 17.99
CA ALA A 304 9.09 -1.23 19.35
C ALA A 304 8.77 0.01 20.17
N HIS A 305 8.18 1.04 19.55
CA HIS A 305 7.91 2.29 20.24
C HIS A 305 6.81 2.11 21.27
N ALA A 306 6.92 2.82 22.38
CA ALA A 306 5.98 2.65 23.48
C ALA A 306 4.54 2.95 23.10
N TYR A 307 4.32 3.73 22.04
CA TYR A 307 2.96 4.01 21.60
C TYR A 307 2.18 2.73 21.30
N PHE A 308 2.87 1.66 20.89
CA PHE A 308 2.22 0.40 20.52
C PHE A 308 2.35 -0.68 21.58
N ALA A 309 2.72 -0.29 22.80
CA ALA A 309 3.04 -1.25 23.85
C ALA A 309 1.97 -2.32 24.04
N GLN A 310 0.69 -1.95 23.98
CA GLN A 310 -0.37 -2.93 24.21
C GLN A 310 -0.57 -3.90 23.04
N TYR A 311 -0.02 -3.60 21.87
CA TYR A 311 -0.15 -4.48 20.70
C TYR A 311 1.14 -5.23 20.37
N HIS A 312 2.29 -4.66 20.69
CA HIS A 312 3.56 -5.19 20.22
C HIS A 312 3.77 -6.63 20.69
N ASP A 313 4.24 -7.48 19.79
CA ASP A 313 4.50 -8.88 20.08
C ASP A 313 5.58 -9.33 19.12
N PRO A 314 6.83 -9.40 19.56
CA PRO A 314 7.94 -9.77 18.66
C PRO A 314 7.80 -11.14 18.02
N ASP A 315 7.07 -12.07 18.63
CA ASP A 315 6.86 -13.39 18.02
C ASP A 315 5.85 -13.36 16.87
N ASP A 316 5.19 -12.23 16.65
CA ASP A 316 4.12 -12.13 15.65
C ASP A 316 4.37 -10.92 14.75
N GLU A 317 5.62 -10.57 14.54
CA GLU A 317 6.01 -9.48 13.64
C GLU A 317 7.06 -10.01 12.68
N PRO A 318 6.68 -10.93 11.80
CA PRO A 318 7.70 -11.66 11.03
C PRO A 318 8.25 -10.88 9.85
N VAL A 319 9.37 -11.38 9.36
CA VAL A 319 9.96 -10.89 8.13
C VAL A 319 9.60 -11.84 6.98
N ALA A 320 9.94 -11.44 5.78
CA ALA A 320 9.60 -12.19 4.57
C ALA A 320 10.73 -13.11 4.16
N ASP A 321 10.36 -14.17 3.45
CA ASP A 321 11.36 -14.99 2.78
C ASP A 321 12.04 -14.15 1.70
N PRO A 322 13.28 -14.48 1.35
CA PRO A 322 13.97 -13.72 0.30
C PRO A 322 13.17 -13.71 -0.99
N TYR A 323 13.18 -12.56 -1.66
CA TYR A 323 12.40 -12.33 -2.86
C TYR A 323 13.34 -12.00 -4.01
N ASP A 324 13.31 -12.82 -5.06
CA ASP A 324 14.20 -12.69 -6.21
C ASP A 324 13.60 -11.71 -7.22
N GLN A 325 14.13 -10.49 -7.26
CA GLN A 325 13.69 -9.45 -8.19
C GLN A 325 14.62 -9.29 -9.38
N SER A 326 15.43 -10.31 -9.70
CA SER A 326 16.37 -10.18 -10.81
C SER A 326 15.66 -9.88 -12.12
N PHE A 327 14.40 -10.31 -12.28
CA PHE A 327 13.67 -10.03 -13.51
C PHE A 327 13.50 -8.54 -13.78
N GLU A 328 13.58 -7.70 -12.75
CA GLU A 328 13.29 -6.27 -12.94
C GLU A 328 14.29 -5.62 -13.89
N SER A 329 15.53 -6.10 -13.91
CA SER A 329 16.54 -5.49 -14.75
C SER A 329 16.49 -5.99 -16.19
N ARG A 330 15.61 -6.94 -16.51
CA ARG A 330 15.62 -7.61 -17.80
C ARG A 330 14.54 -7.05 -18.73
N ASP A 331 14.92 -6.88 -20.00
CA ASP A 331 13.97 -6.56 -21.07
C ASP A 331 13.73 -7.87 -21.82
N LEU A 332 12.49 -8.36 -21.76
CA LEU A 332 12.08 -9.55 -22.50
C LEU A 332 10.97 -9.20 -23.48
N LEU A 333 10.74 -10.08 -24.44
CA LEU A 333 9.66 -9.87 -25.38
C LEU A 333 8.31 -10.10 -24.71
N ILE A 334 7.25 -9.52 -25.30
CA ILE A 334 5.92 -9.66 -24.72
C ILE A 334 5.57 -11.12 -24.50
N ASP A 335 5.83 -11.96 -25.50
CA ASP A 335 5.46 -13.38 -25.38
C ASP A 335 6.25 -14.07 -24.28
N GLU A 336 7.45 -13.58 -23.98
CA GLU A 336 8.23 -14.15 -22.90
C GLU A 336 7.62 -13.81 -21.53
N TRP A 337 7.26 -12.53 -21.33
CA TRP A 337 6.55 -12.18 -20.09
C TRP A 337 5.25 -12.93 -19.99
N LYS A 338 4.53 -13.09 -21.10
CA LYS A 338 3.26 -13.80 -21.08
C LYS A 338 3.46 -15.26 -20.67
N SER A 339 4.46 -15.91 -21.24
CA SER A 339 4.73 -17.31 -20.89
C SER A 339 5.17 -17.46 -19.44
N LEU A 340 6.03 -16.56 -18.97
CA LEU A 340 6.43 -16.59 -17.57
C LEU A 340 5.21 -16.40 -16.67
N THR A 341 4.31 -15.49 -17.05
CA THR A 341 3.11 -15.26 -16.25
C THR A 341 2.23 -16.50 -16.23
N TYR A 342 2.06 -17.12 -17.39
CA TYR A 342 1.29 -18.36 -17.48
C TYR A 342 1.86 -19.43 -16.56
N ASP A 343 3.19 -19.59 -16.56
CA ASP A 343 3.84 -20.55 -15.68
C ASP A 343 3.51 -20.26 -14.22
N GLU A 344 3.50 -18.99 -13.83
CA GLU A 344 3.20 -18.62 -12.44
C GLU A 344 1.73 -18.86 -12.10
N VAL A 345 0.82 -18.65 -13.04
CA VAL A 345 -0.58 -19.02 -12.81
C VAL A 345 -0.70 -20.51 -12.55
N ILE A 346 -0.06 -21.33 -13.39
CA ILE A 346 -0.20 -22.78 -13.30
C ILE A 346 0.44 -23.32 -12.04
N SER A 347 1.56 -22.75 -11.59
CA SER A 347 2.27 -23.32 -10.46
C SER A 347 1.73 -22.82 -9.12
N PHE A 348 0.78 -21.90 -9.12
CA PHE A 348 0.27 -21.36 -7.87
C PHE A 348 -0.31 -22.47 -6.99
N VAL A 349 0.05 -22.45 -5.72
CA VAL A 349 -0.44 -23.39 -4.72
C VAL A 349 -1.32 -22.62 -3.73
N PRO A 350 -2.62 -22.86 -3.69
CA PRO A 350 -3.47 -22.13 -2.73
C PRO A 350 -3.07 -22.48 -1.31
N PRO A 351 -3.03 -21.48 -0.43
CA PRO A 351 -2.66 -21.71 0.96
C PRO A 351 -3.76 -22.47 1.69
N PRO A 352 -3.43 -23.08 2.83
CA PRO A 352 -4.48 -23.65 3.67
C PRO A 352 -5.43 -22.55 4.12
N LEU A 353 -6.69 -22.95 4.34
CA LEU A 353 -7.69 -22.00 4.81
C LEU A 353 -7.31 -21.45 6.18
N ASP A 354 -6.82 -22.31 7.06
CA ASP A 354 -6.37 -21.94 8.40
C ASP A 354 -4.85 -22.07 8.45
N GLN A 355 -4.16 -20.93 8.51
CA GLN A 355 -2.70 -20.92 8.55
C GLN A 355 -2.13 -20.41 9.86
N GLU A 356 -2.94 -20.33 10.91
CA GLU A 356 -2.50 -19.71 12.15
C GLU A 356 -2.83 -20.63 13.32
N GLU A 357 -2.06 -20.48 14.39
CA GLU A 357 -2.26 -21.26 15.60
C GLU A 357 -2.15 -20.34 16.80
N MET A 358 -2.72 -20.76 17.93
CA MET A 358 -2.70 -19.94 19.12
C MET A 358 -1.25 -19.75 19.60
N GLU A 359 -0.97 -18.57 20.14
CA GLU A 359 0.38 -18.24 20.59
C GLU A 359 0.77 -19.02 21.84
C6 OFZ B . 2.32 23.24 9.95
C5 OFZ B . 1.05 23.60 10.70
C8 OFZ B . 1.23 23.89 7.80
C13 OFZ B . -6.73 20.29 6.31
C9 OFZ B . 1.07 21.53 8.63
C10 OFZ B . -0.22 21.89 9.38
C12 OFZ B . -6.10 20.87 7.52
C2 OFZ B . -0.98 23.00 8.65
C4 OFZ B . 0.31 24.71 9.97
C3 OFZ B . -0.06 24.23 8.56
N OFZ B . -4.12 23.01 7.32
C OFZ B . -3.80 21.76 7.39
C1 OFZ B . -1.48 22.56 7.26
C11 OFZ B . 0.16 22.35 10.80
C7 OFZ B . 1.97 22.76 8.54
N1 OFZ B . -2.49 21.52 7.36
N2 OFZ B . -4.65 20.73 7.49
CA1 SB4 C . -10.76 -1.84 -4.28
CA2 SB4 C . -11.27 -0.50 -3.76
NA3 SB4 C . -10.30 0.13 -2.86
CA4 SB4 C . -10.00 -0.73 -1.70
CA5 SB4 C . -9.40 -2.05 -2.15
CA6 SB4 C . -9.40 -2.12 -3.66
CB1 SB4 C . -8.23 -7.63 -5.13
CB2 SB4 C . -7.81 -8.93 -5.35
CB3 SB4 C . -6.47 -9.18 -5.45
CB4 SB4 C . -5.52 -8.20 -5.34
CB5 SB4 C . -5.94 -6.89 -5.15
CB6 SB4 C . -7.30 -6.58 -5.03
FB7 SB4 C . -6.07 -10.46 -5.62
CC1 SB4 C . -8.91 -6.31 -2.11
CC2 SB4 C . -9.46 -5.31 -2.90
NC3 SB4 C . -10.73 -4.90 -2.72
CC4 SB4 C . -11.44 -5.48 -1.74
NC5 SB4 C . -10.97 -6.45 -0.92
CC6 SB4 C . -9.71 -6.84 -1.12
NC7 SB4 C . -12.69 -5.06 -1.56
ND1 SB4 C . -8.69 -3.28 -4.23
CD2 SB4 C . -7.81 -3.07 -5.23
ND3 SB4 C . -7.23 -4.18 -5.61
CD4 SB4 C . -7.75 -5.20 -4.83
CD5 SB4 C . -8.67 -4.66 -3.95
CA CA D . -6.10 -21.80 13.57
CA CA E . 0.01 -11.69 20.28
CA CA F . 4.59 -15.75 22.17
CA CA G . -8.88 -14.25 11.84
CL CL H . 10.89 -15.91 -4.55
S SO4 I . -3.48 19.70 11.58
O1 SO4 I . -3.57 21.15 11.56
O2 SO4 I . -4.76 19.14 12.01
O3 SO4 I . -3.17 19.22 10.24
O4 SO4 I . -2.43 19.28 12.50
#